data_3N55
#
_entry.id   3N55
#
_cell.length_a   99.997
_cell.length_b   99.997
_cell.length_c   100.873
_cell.angle_alpha   90.000
_cell.angle_beta   90.000
_cell.angle_gamma   120.000
#
_symmetry.space_group_name_H-M   'H 3 2'
#
loop_
_entity.id
_entity.type
_entity.pdbx_description
1 polymer Peptidase
2 polymer Peptidase
3 non-polymer BETA-MERCAPTOETHANOL
4 non-polymer 'ACETATE ION'
5 non-polymer 'ZINC ION'
6 water water
#
loop_
_entity_poly.entity_id
_entity_poly.type
_entity_poly.pdbx_seq_one_letter_code
_entity_poly.pdbx_strand_id
1 'polypeptide(L)'
;SNA(MSE)FAPQGLAQFIKVNVTLENGEPVFIYTDANGQVCQGDITVTQAGTITYLLNDQTLKGLKFVGVGFVTPFDGII
DAVTISSDG(MSE)LVQLVDLDKTPGTTKFQFVLSNTANTLLVLSPD
;
A
2 'polypeptide(L)' PQIINRPQN B
#
loop_
_chem_comp.id
_chem_comp.type
_chem_comp.name
_chem_comp.formula
ACT non-polymer 'ACETATE ION' 'C2 H3 O2 -1'
BME non-polymer BETA-MERCAPTOETHANOL 'C2 H6 O S'
ZN non-polymer 'ZINC ION' 'Zn 2'
#
# COMPACT_ATOMS: atom_id res chain seq x y z
N GLY A 9 -4.10 19.31 -1.97
CA GLY A 9 -4.48 17.91 -1.66
C GLY A 9 -4.24 17.42 -0.25
N LEU A 10 -4.70 16.19 0.02
CA LEU A 10 -4.54 15.53 1.32
CA LEU A 10 -4.49 15.58 1.32
C LEU A 10 -3.42 14.51 1.19
N ALA A 11 -2.57 14.46 2.23
CA ALA A 11 -1.51 13.44 2.41
C ALA A 11 -1.94 12.52 3.54
N GLN A 12 -2.25 11.28 3.21
CA GLN A 12 -2.69 10.28 4.15
C GLN A 12 -1.56 9.33 4.41
N PHE A 13 -1.48 8.80 5.63
CA PHE A 13 -0.40 7.91 6.04
C PHE A 13 -0.94 6.67 6.71
N ILE A 14 -0.48 5.52 6.25
CA ILE A 14 -0.90 4.20 6.76
C ILE A 14 0.33 3.36 7.00
N LYS A 15 0.36 2.66 8.12
CA LYS A 15 1.46 1.78 8.45
C LYS A 15 1.06 0.37 8.03
N VAL A 16 1.96 -0.29 7.31
CA VAL A 16 1.77 -1.67 6.85
C VAL A 16 2.57 -2.55 7.77
N ASN A 17 1.87 -3.14 8.75
CA ASN A 17 2.49 -4.03 9.70
C ASN A 17 2.42 -5.44 9.15
N VAL A 18 3.55 -6.13 9.07
CA VAL A 18 3.54 -7.50 8.54
C VAL A 18 4.08 -8.42 9.63
N THR A 19 3.24 -9.37 10.02
CA THR A 19 3.65 -10.38 10.99
C THR A 19 3.62 -11.75 10.29
N LEU A 20 4.11 -12.79 10.96
CA LEU A 20 3.92 -14.13 10.47
C LEU A 20 2.98 -14.91 11.38
N GLU A 21 2.04 -15.62 10.75
CA GLU A 21 1.19 -16.55 11.44
CA GLU A 21 1.11 -16.54 11.41
C GLU A 21 1.19 -17.85 10.66
N ASN A 22 1.46 -18.94 11.37
CA ASN A 22 1.64 -20.23 10.73
C ASN A 22 2.66 -20.13 9.59
N GLY A 23 3.72 -19.35 9.84
CA GLY A 23 4.83 -19.27 8.91
C GLY A 23 4.61 -18.37 7.70
N GLU A 24 3.44 -17.74 7.59
CA GLU A 24 3.12 -16.95 6.42
C GLU A 24 2.71 -15.53 6.79
N PRO A 25 2.91 -14.58 5.84
CA PRO A 25 2.73 -13.18 6.18
C PRO A 25 1.28 -12.81 6.39
N VAL A 26 1.06 -11.91 7.34
CA VAL A 26 -0.24 -11.31 7.62
C VAL A 26 -0.05 -9.80 7.60
N PHE A 27 -0.87 -9.11 6.82
CA PHE A 27 -0.82 -7.65 6.65
C PHE A 27 -1.87 -7.01 7.50
N ILE A 28 -1.44 -6.15 8.42
CA ILE A 28 -2.34 -5.39 9.31
C ILE A 28 -2.05 -3.93 9.11
N TYR A 29 -3.08 -3.19 8.69
CA TYR A 29 -2.92 -1.75 8.44
C TYR A 29 -3.31 -0.95 9.66
N THR A 30 -2.51 0.06 10.03
CA THR A 30 -2.90 0.95 11.08
C THR A 30 -2.86 2.39 10.60
N ASP A 31 -3.80 3.17 11.10
CA ASP A 31 -3.99 4.50 10.63
C ASP A 31 -3.26 5.45 11.55
N ALA A 32 -3.47 6.74 11.31
CA ALA A 32 -2.79 7.76 12.09
C ALA A 32 -3.06 7.63 13.60
N ASN A 33 -4.31 7.29 13.96
CA ASN A 33 -4.68 7.11 15.38
CA ASN A 33 -4.67 7.12 15.37
C ASN A 33 -4.34 5.73 15.95
N GLY A 34 -3.52 4.95 15.23
CA GLY A 34 -3.04 3.66 15.73
C GLY A 34 -4.12 2.63 15.70
N GLN A 35 -5.19 2.92 15.00
CA GLN A 35 -6.24 1.94 14.87
C GLN A 35 -6.02 1.03 13.71
N VAL A 36 -6.28 -0.25 13.93
CA VAL A 36 -6.38 -1.22 12.86
C VAL A 36 -7.50 -0.85 11.87
N CYS A 37 -7.20 -0.89 10.57
CA CYS A 37 -8.20 -0.70 9.55
C CYS A 37 -7.91 -1.59 8.38
N GLN A 38 -8.68 -1.46 7.29
CA GLN A 38 -8.27 -2.19 6.04
CA GLN A 38 -8.43 -2.09 5.97
C GLN A 38 -7.40 -1.42 5.04
N GLY A 39 -6.95 -0.23 5.43
CA GLY A 39 -5.97 0.56 4.65
C GLY A 39 -6.43 1.02 3.28
N ASP A 40 -7.75 0.92 3.08
CA ASP A 40 -8.53 1.65 2.06
C ASP A 40 -8.57 3.16 2.28
N ILE A 41 -8.54 3.88 1.16
CA ILE A 41 -8.66 5.31 1.15
C ILE A 41 -9.85 5.57 0.19
N THR A 42 -11.01 6.00 0.71
CA THR A 42 -12.00 6.66 -0.17
C THR A 42 -11.40 8.04 -0.26
N VAL A 43 -11.00 8.47 -1.47
CA VAL A 43 -10.35 9.76 -1.78
C VAL A 43 -11.34 10.77 -2.49
N THR A 44 -11.38 12.01 -2.01
CA THR A 44 -12.30 13.04 -2.55
C THR A 44 -11.59 14.22 -3.24
N GLN A 45 -10.26 14.24 -3.19
CA GLN A 45 -9.43 15.32 -3.74
C GLN A 45 -8.07 14.75 -4.13
N ALA A 46 -7.29 15.47 -4.95
CA ALA A 46 -5.97 15.00 -5.44
C ALA A 46 -4.99 15.03 -4.32
N GLY A 47 -4.16 14.00 -4.24
CA GLY A 47 -3.32 13.85 -3.08
C GLY A 47 -2.44 12.63 -3.13
N THR A 48 -1.92 12.27 -1.95
CA THR A 48 -1.01 11.15 -1.83
C THR A 48 -1.42 10.22 -0.70
N ILE A 49 -1.08 8.94 -0.85
CA ILE A 49 -1.21 7.97 0.20
C ILE A 49 0.16 7.37 0.39
N THR A 50 0.67 7.49 1.60
CA THR A 50 2.01 6.99 1.96
C THR A 50 1.88 5.75 2.85
N TYR A 51 2.49 4.66 2.43
CA TYR A 51 2.47 3.40 3.17
C TYR A 51 3.88 3.14 3.73
N LEU A 52 3.95 2.97 5.05
CA LEU A 52 5.18 2.76 5.79
CA LEU A 52 5.20 2.73 5.76
C LEU A 52 5.29 1.31 6.24
N LEU A 53 6.34 0.61 5.84
CA LEU A 53 6.52 -0.79 6.16
C LEU A 53 7.03 -0.97 7.59
N ASN A 54 6.31 -1.76 8.37
CA ASN A 54 6.79 -2.23 9.68
C ASN A 54 6.84 -3.77 9.58
N ASP A 55 7.98 -4.27 9.21
CA ASP A 55 8.20 -5.69 8.99
C ASP A 55 8.58 -6.38 10.29
N GLN A 56 7.69 -7.21 10.78
CA GLN A 56 7.94 -7.99 12.00
CA GLN A 56 7.92 -7.98 12.01
C GLN A 56 8.04 -9.48 11.72
N THR A 57 8.40 -9.83 10.50
CA THR A 57 8.48 -11.22 10.07
C THR A 57 9.85 -11.90 10.23
N LEU A 58 10.90 -11.08 10.37
CA LEU A 58 12.29 -11.55 10.28
C LEU A 58 12.67 -12.11 8.90
N LYS A 59 11.86 -11.82 7.89
CA LYS A 59 12.13 -12.31 6.52
C LYS A 59 12.66 -11.22 5.60
N GLY A 60 13.09 -10.09 6.13
CA GLY A 60 13.75 -9.08 5.33
C GLY A 60 12.90 -8.48 4.25
N LEU A 61 11.63 -8.23 4.56
CA LEU A 61 10.72 -7.68 3.53
C LEU A 61 11.11 -6.24 3.14
N LYS A 62 10.97 -5.95 1.87
CA LYS A 62 11.14 -4.61 1.34
CA LYS A 62 11.17 -4.61 1.32
C LYS A 62 10.10 -4.40 0.25
N PHE A 63 9.46 -3.23 0.19
CA PHE A 63 8.58 -2.96 -0.92
C PHE A 63 9.40 -2.89 -2.20
N VAL A 64 8.84 -3.45 -3.27
CA VAL A 64 9.38 -3.28 -4.59
C VAL A 64 8.41 -2.59 -5.58
N GLY A 65 7.19 -2.40 -5.14
CA GLY A 65 6.17 -1.70 -5.94
C GLY A 65 4.77 -2.01 -5.44
N VAL A 66 3.79 -1.52 -6.20
CA VAL A 66 2.39 -1.75 -5.91
C VAL A 66 1.75 -2.29 -7.19
N GLY A 67 1.08 -3.44 -7.09
CA GLY A 67 0.56 -4.10 -8.26
C GLY A 67 -0.95 -4.02 -8.39
N PHE A 68 -1.38 -4.03 -9.65
CA PHE A 68 -2.77 -3.82 -10.05
C PHE A 68 -3.15 -4.81 -11.11
N VAL A 69 -4.32 -5.44 -10.97
CA VAL A 69 -4.84 -6.30 -12.05
C VAL A 69 -5.42 -5.46 -13.19
N THR A 70 -5.84 -4.25 -12.87
CA THR A 70 -6.34 -3.27 -13.86
C THR A 70 -5.49 -1.99 -13.82
N PRO A 71 -4.21 -2.10 -14.24
CA PRO A 71 -3.28 -1.01 -14.07
C PRO A 71 -3.51 0.22 -14.93
N PHE A 72 -4.38 0.13 -15.95
CA PHE A 72 -4.63 1.26 -16.86
C PHE A 72 -5.94 1.95 -16.59
N ASP A 73 -6.51 1.76 -15.41
CA ASP A 73 -7.85 2.30 -15.13
C ASP A 73 -7.84 3.77 -14.74
N GLY A 74 -6.62 4.28 -14.47
CA GLY A 74 -6.44 5.70 -14.11
C GLY A 74 -6.79 6.11 -12.70
N ILE A 75 -7.18 5.17 -11.83
CA ILE A 75 -7.60 5.55 -10.49
C ILE A 75 -6.35 6.06 -9.73
N ILE A 76 -5.28 5.30 -9.77
CA ILE A 76 -3.95 5.72 -9.27
C ILE A 76 -3.09 6.10 -10.46
N ASP A 77 -2.49 7.29 -10.41
CA ASP A 77 -1.70 7.88 -11.48
CA ASP A 77 -1.72 7.75 -11.54
C ASP A 77 -0.24 7.43 -11.49
N ALA A 78 0.32 7.23 -10.31
CA ALA A 78 1.75 6.87 -10.20
C ALA A 78 2.01 6.22 -8.86
N VAL A 79 3.12 5.49 -8.81
CA VAL A 79 3.67 4.89 -7.59
C VAL A 79 5.11 5.35 -7.44
N THR A 80 5.48 5.75 -6.23
CA THR A 80 6.87 6.08 -5.94
C THR A 80 7.35 5.17 -4.80
N ILE A 81 8.64 4.95 -4.71
CA ILE A 81 9.20 4.03 -3.73
CA ILE A 81 9.22 4.00 -3.74
C ILE A 81 10.53 4.60 -3.21
N SER A 82 10.79 4.38 -1.91
CA SER A 82 12.04 4.83 -1.31
C SER A 82 13.14 3.80 -1.63
N SER A 83 14.38 4.27 -1.55
CA SER A 83 15.51 3.46 -1.94
C SER A 83 15.73 2.24 -1.02
N ASP A 84 15.27 2.37 0.21
CA ASP A 84 15.41 1.31 1.20
C ASP A 84 14.21 0.35 1.22
N GLY A 85 13.22 0.56 0.37
CA GLY A 85 12.05 -0.30 0.34
C GLY A 85 11.12 -0.16 1.55
N MSE A 86 11.31 0.87 2.38
CA MSE A 86 10.47 1.07 3.57
C MSE A 86 9.21 1.88 3.33
O MSE A 86 8.32 1.88 4.17
CB MSE A 86 11.32 1.70 4.71
CG MSE A 86 12.43 0.78 5.14
SE MSE A 86 11.85 -0.85 6.02
CE MSE A 86 12.36 -2.05 4.61
N LEU A 87 9.14 2.61 2.24
CA LEU A 87 7.99 3.42 1.91
C LEU A 87 7.58 3.25 0.46
N VAL A 88 6.29 3.22 0.22
CA VAL A 88 5.73 3.38 -1.12
CA VAL A 88 5.74 3.36 -1.11
C VAL A 88 4.64 4.41 -1.03
N GLN A 89 4.45 5.17 -2.08
CA GLN A 89 3.39 6.18 -2.11
C GLN A 89 2.57 6.00 -3.37
N LEU A 90 1.26 6.17 -3.23
CA LEU A 90 0.36 6.25 -4.37
C LEU A 90 0.01 7.71 -4.62
N VAL A 91 0.06 8.12 -5.88
CA VAL A 91 -0.24 9.50 -6.25
C VAL A 91 -1.53 9.48 -7.03
N ASP A 92 -2.46 10.29 -6.60
CA ASP A 92 -3.62 10.45 -7.38
CA ASP A 92 -3.73 10.40 -7.25
C ASP A 92 -3.67 11.91 -7.78
N LEU A 93 -3.27 12.17 -9.05
CA LEU A 93 -3.06 13.53 -9.65
C LEU A 93 -4.28 14.08 -10.31
N ASP A 94 -5.03 13.26 -11.04
CA ASP A 94 -6.09 13.80 -11.99
C ASP A 94 -7.55 13.35 -11.76
N LYS A 95 -7.77 12.76 -10.58
CA LYS A 95 -9.11 12.48 -10.03
C LYS A 95 -10.03 11.72 -10.93
N THR A 96 -9.53 10.61 -11.43
CA THR A 96 -10.34 9.76 -12.29
C THR A 96 -11.38 9.06 -11.38
N PRO A 97 -12.68 9.15 -11.67
CA PRO A 97 -13.64 8.54 -10.72
C PRO A 97 -13.73 7.00 -10.87
N GLY A 98 -13.96 6.30 -9.76
CA GLY A 98 -14.08 4.86 -9.77
C GLY A 98 -13.33 4.21 -8.62
N THR A 99 -13.17 2.90 -8.72
CA THR A 99 -12.52 2.12 -7.66
CA THR A 99 -12.55 2.11 -7.67
C THR A 99 -11.51 1.17 -8.26
N THR A 100 -10.41 0.95 -7.55
CA THR A 100 -9.39 -0.03 -8.00
C THR A 100 -8.90 -0.82 -6.80
N LYS A 101 -8.43 -2.02 -7.04
CA LYS A 101 -7.86 -2.89 -6.03
C LYS A 101 -6.39 -3.06 -6.31
N PHE A 102 -5.60 -3.14 -5.27
CA PHE A 102 -4.15 -3.30 -5.44
C PHE A 102 -3.59 -4.24 -4.39
N GLN A 103 -2.39 -4.74 -4.69
CA GLN A 103 -1.65 -5.63 -3.78
C GLN A 103 -0.23 -5.08 -3.69
N PHE A 104 0.26 -4.98 -2.45
CA PHE A 104 1.68 -4.62 -2.27
C PHE A 104 2.55 -5.74 -2.82
N VAL A 105 3.71 -5.36 -3.38
CA VAL A 105 4.67 -6.33 -3.88
C VAL A 105 5.99 -6.14 -3.11
N LEU A 106 6.51 -7.20 -2.50
CA LEU A 106 7.67 -7.10 -1.67
C LEU A 106 8.68 -8.20 -2.02
N SER A 107 9.97 -7.88 -1.91
CA SER A 107 11.02 -8.86 -1.93
C SER A 107 11.21 -9.34 -0.49
N ASN A 108 11.88 -10.50 -0.35
CA ASN A 108 12.24 -11.01 0.97
C ASN A 108 13.63 -11.61 0.89
N THR A 109 14.30 -11.75 2.05
CA THR A 109 15.66 -12.28 2.09
C THR A 109 15.78 -13.79 2.33
N ALA A 110 14.63 -14.47 2.53
CA ALA A 110 14.63 -15.88 2.73
C ALA A 110 14.65 -16.70 1.43
N ASN A 111 13.96 -16.17 0.42
CA ASN A 111 13.89 -16.80 -0.89
C ASN A 111 13.68 -15.75 -1.97
N THR A 112 13.64 -16.21 -3.22
CA THR A 112 13.58 -15.32 -4.38
C THR A 112 12.19 -15.15 -4.98
N LEU A 113 11.18 -15.57 -4.24
CA LEU A 113 9.78 -15.36 -4.58
C LEU A 113 9.38 -13.97 -4.12
N LEU A 114 8.58 -13.26 -4.92
CA LEU A 114 8.00 -12.02 -4.43
C LEU A 114 6.80 -12.31 -3.54
N VAL A 115 6.59 -11.43 -2.58
CA VAL A 115 5.50 -11.48 -1.62
C VAL A 115 4.39 -10.55 -2.05
N LEU A 116 3.14 -11.04 -2.04
CA LEU A 116 1.99 -10.18 -2.35
C LEU A 116 1.08 -10.10 -1.14
N SER A 117 0.52 -8.93 -0.89
CA SER A 117 -0.57 -8.83 0.05
C SER A 117 -1.82 -9.47 -0.61
N PRO A 118 -2.84 -9.88 0.18
CA PRO A 118 -3.97 -10.55 -0.42
C PRO A 118 -4.73 -9.74 -1.51
N ASP A 119 -5.28 -10.46 -2.46
CA ASP A 119 -6.00 -9.87 -3.55
C ASP A 119 -7.19 -9.08 -3.05
N PRO B 1 -5.48 -3.64 -0.68
CA PRO B 1 -6.63 -2.75 -0.37
C PRO B 1 -7.28 -2.16 -1.60
N GLN B 2 -8.31 -1.35 -1.37
CA GLN B 2 -9.02 -0.70 -2.45
C GLN B 2 -8.96 0.77 -2.29
N ILE B 3 -8.97 1.48 -3.41
CA ILE B 3 -9.00 2.94 -3.42
C ILE B 3 -10.29 3.30 -4.15
N ILE B 4 -11.04 4.27 -3.62
CA ILE B 4 -12.34 4.75 -4.22
C ILE B 4 -12.11 6.22 -4.48
N ASN B 5 -12.16 6.63 -5.73
CA ASN B 5 -12.02 8.02 -6.12
C ASN B 5 -13.45 8.60 -6.27
N ARG B 6 -13.75 9.58 -5.44
CA ARG B 6 -15.01 10.37 -5.47
CA ARG B 6 -15.00 10.36 -5.53
C ARG B 6 -14.55 11.81 -5.65
N PRO B 7 -14.25 12.25 -6.87
CA PRO B 7 -13.77 13.63 -7.09
C PRO B 7 -14.82 14.72 -6.70
C1 BME C . -10.47 2.15 6.05
C2 BME C . -10.00 2.94 7.25
O1 BME C . -9.54 1.13 5.68
S2 BME C . -8.20 3.08 7.36
C ACT D . -9.38 -13.85 -2.30
O ACT D . -8.94 -13.33 -1.26
OXT ACT D . -10.24 -13.17 -2.94
CH3 ACT D . -8.87 -15.20 -2.74
ZN ZN E . -6.12 9.18 -12.83
#